data_4OHQ
#
_entry.id   4OHQ
#
_cell.length_a   100.920
_cell.length_b   100.920
_cell.length_c   221.820
_cell.angle_alpha   90.000
_cell.angle_beta   90.000
_cell.angle_gamma   120.000
#
_symmetry.space_group_name_H-M   'P 65 2 2'
#
loop_
_entity.id
_entity.type
_entity.pdbx_description
1 polymer 'Triosephosphate isomerase, chloroplastic'
2 water water
#
_entity_poly.entity_id   1
_entity_poly.type   'polypeptide(L)'
_entity_poly.pdbx_seq_one_letter_code
;MAGSGKFFVGGNWKCNGTKDSIAKLISDLNSATLEADVDVVVSPPFVYIDQVKSSLTDRIDISGQNSWVGKGGAFTGEIS
VEQLKDLGCKWVILGHSERRHVIGEKDEFIGKKAAYALSEGLGVIACIGEKLEEREAGKTFDVCFAQLKAFADAVPSWDN
IVVAYEPVWAIGTGKVASPQQAQEVHVAVRGWLKKNVSEEVASKTRIIYGGSVNGGNSAELAKEEDIDGFLVGGASLKGP
EFATIVNSVTSKKVAA
;
_entity_poly.pdbx_strand_id   A,B
#
# COMPACT_ATOMS: atom_id res chain seq x y z
N GLY A 5 -5.26 -32.18 3.86
CA GLY A 5 -5.28 -30.82 4.38
C GLY A 5 -6.67 -30.22 4.61
N LYS A 6 -6.78 -29.30 5.58
CA LYS A 6 -8.06 -28.74 6.04
C LYS A 6 -8.65 -27.64 5.14
N PHE A 7 -9.96 -27.68 4.89
CA PHE A 7 -10.63 -26.77 3.95
C PHE A 7 -10.39 -25.30 4.31
N PHE A 8 -10.09 -24.48 3.33
CA PHE A 8 -9.66 -23.11 3.58
C PHE A 8 -10.48 -22.14 2.77
N VAL A 9 -11.09 -21.15 3.43
CA VAL A 9 -11.83 -20.15 2.65
C VAL A 9 -11.44 -18.76 3.09
N GLY A 10 -10.85 -18.02 2.18
CA GLY A 10 -10.47 -16.64 2.46
C GLY A 10 -11.28 -15.62 1.68
N GLY A 11 -11.50 -14.45 2.28
CA GLY A 11 -12.19 -13.40 1.58
C GLY A 11 -11.29 -12.21 1.36
N ASN A 12 -11.04 -11.91 0.08
CA ASN A 12 -10.20 -10.80 -0.31
C ASN A 12 -11.12 -9.61 -0.59
N TRP A 13 -11.16 -8.65 0.33
CA TRP A 13 -12.10 -7.53 0.20
C TRP A 13 -11.61 -6.52 -0.84
N LYS A 14 -10.34 -6.66 -1.22
CA LYS A 14 -9.69 -5.75 -2.13
C LYS A 14 -9.81 -4.29 -1.66
N CYS A 15 -9.92 -3.37 -2.60
CA CYS A 15 -9.88 -1.95 -2.27
C CYS A 15 -11.29 -1.45 -2.14
N ASN A 16 -12.00 -2.00 -1.15
CA ASN A 16 -13.44 -1.73 -0.97
C ASN A 16 -13.73 -1.54 0.50
N GLY A 17 -14.77 -0.76 0.80
CA GLY A 17 -15.24 -0.60 2.16
C GLY A 17 -14.97 0.74 2.81
N THR A 18 -15.82 1.09 3.79
CA THR A 18 -15.60 2.25 4.65
C THR A 18 -15.77 1.73 6.06
N LYS A 19 -15.51 2.55 7.08
CA LYS A 19 -15.81 2.18 8.47
C LYS A 19 -17.22 1.59 8.62
N ASP A 20 -18.21 2.30 8.06
CA ASP A 20 -19.62 1.88 8.22
C ASP A 20 -19.95 0.59 7.50
N SER A 21 -19.50 0.46 6.24
CA SER A 21 -19.85 -0.74 5.49
C SER A 21 -19.15 -1.94 6.12
N ILE A 22 -17.92 -1.71 6.59
CA ILE A 22 -17.17 -2.82 7.20
C ILE A 22 -17.73 -3.17 8.59
N ALA A 23 -18.19 -2.17 9.33
CA ALA A 23 -18.88 -2.48 10.59
C ALA A 23 -20.10 -3.38 10.34
N LYS A 24 -20.86 -3.14 9.27
CA LYS A 24 -22.05 -3.99 8.99
C LYS A 24 -21.59 -5.40 8.54
N LEU A 25 -20.55 -5.44 7.71
CA LEU A 25 -19.99 -6.71 7.27
C LEU A 25 -19.49 -7.53 8.45
N ILE A 26 -18.78 -6.89 9.37
CA ILE A 26 -18.28 -7.57 10.57
C ILE A 26 -19.43 -8.09 11.43
N SER A 27 -20.47 -7.29 11.62
CA SER A 27 -21.66 -7.74 12.36
C SER A 27 -22.31 -8.98 11.71
N ASP A 28 -22.44 -8.98 10.39
CA ASP A 28 -22.99 -10.15 9.70
C ASP A 28 -22.12 -11.39 9.82
N LEU A 29 -20.80 -11.20 9.77
CA LEU A 29 -19.89 -12.35 9.91
C LEU A 29 -19.99 -12.92 11.31
N ASN A 30 -20.03 -12.04 12.31
CA ASN A 30 -20.17 -12.47 13.72
C ASN A 30 -21.50 -13.20 13.99
N SER A 31 -22.53 -12.87 13.22
CA SER A 31 -23.86 -13.46 13.48
C SER A 31 -24.00 -14.81 12.80
N ALA A 32 -23.18 -15.03 11.76
CA ALA A 32 -23.24 -16.26 11.00
C ALA A 32 -22.86 -17.46 11.87
N THR A 33 -23.39 -18.64 11.55
CA THR A 33 -22.94 -19.87 12.20
C THR A 33 -22.07 -20.59 11.17
N LEU A 34 -20.79 -20.75 11.49
CA LEU A 34 -19.83 -21.29 10.52
C LEU A 34 -19.55 -22.75 10.83
N GLU A 35 -19.37 -23.56 9.78
CA GLU A 35 -19.01 -24.97 9.99
C GLU A 35 -17.63 -25.04 10.67
N ALA A 36 -17.40 -26.13 11.38
CA ALA A 36 -16.27 -26.29 12.29
C ALA A 36 -14.93 -26.62 11.62
N ASP A 37 -14.95 -27.45 10.59
CA ASP A 37 -13.69 -27.93 10.00
C ASP A 37 -13.20 -27.05 8.84
N VAL A 38 -13.30 -25.73 8.98
CA VAL A 38 -12.84 -24.82 7.94
C VAL A 38 -11.94 -23.72 8.52
N ASP A 39 -10.79 -23.46 7.87
CA ASP A 39 -9.96 -22.29 8.20
C ASP A 39 -10.57 -21.10 7.44
N VAL A 40 -10.95 -20.06 8.17
CA VAL A 40 -11.58 -18.90 7.57
C VAL A 40 -10.76 -17.65 7.78
N VAL A 41 -10.59 -16.88 6.72
CA VAL A 41 -9.69 -15.74 6.73
C VAL A 41 -10.34 -14.61 5.96
N VAL A 42 -10.26 -13.39 6.48
CA VAL A 42 -10.68 -12.24 5.69
C VAL A 42 -9.49 -11.28 5.52
N SER A 43 -9.51 -10.53 4.44
CA SER A 43 -8.41 -9.64 4.11
C SER A 43 -8.90 -8.21 3.87
N PRO A 44 -8.92 -7.38 4.93
CA PRO A 44 -9.35 -5.98 4.84
C PRO A 44 -8.31 -5.10 4.14
N PRO A 45 -8.73 -3.93 3.63
CA PRO A 45 -7.73 -2.94 3.23
C PRO A 45 -6.87 -2.56 4.44
N PHE A 46 -5.62 -2.18 4.21
CA PHE A 46 -4.70 -1.87 5.33
C PHE A 46 -5.33 -1.00 6.43
N VAL A 47 -5.99 0.07 6.01
CA VAL A 47 -6.48 1.07 6.95
C VAL A 47 -7.59 0.58 7.86
N TYR A 48 -8.24 -0.54 7.51
CA TYR A 48 -9.35 -1.05 8.33
C TYR A 48 -8.97 -2.29 9.15
N ILE A 49 -7.73 -2.73 9.04
CA ILE A 49 -7.32 -3.96 9.71
C ILE A 49 -7.51 -3.85 11.23
N ASP A 50 -7.21 -2.68 11.77
CA ASP A 50 -7.37 -2.43 13.20
C ASP A 50 -8.86 -2.57 13.65
N GLN A 51 -9.74 -1.89 12.92
CA GLN A 51 -11.17 -2.01 13.16
C GLN A 51 -11.63 -3.47 13.11
N VAL A 52 -11.16 -4.21 12.11
CA VAL A 52 -11.60 -5.59 11.98
C VAL A 52 -11.07 -6.46 13.13
N LYS A 53 -9.80 -6.31 13.49
CA LYS A 53 -9.25 -7.08 14.58
C LYS A 53 -9.97 -6.79 15.91
N SER A 54 -10.36 -5.53 16.13
CA SER A 54 -11.04 -5.14 17.37
C SER A 54 -12.43 -5.76 17.50
N SER A 55 -13.10 -6.08 16.40
CA SER A 55 -14.51 -6.48 16.54
C SER A 55 -14.89 -7.81 15.88
N LEU A 56 -14.04 -8.36 15.01
CA LEU A 56 -14.40 -9.60 14.33
C LEU A 56 -14.15 -10.81 15.22
N THR A 57 -15.03 -11.81 15.17
CA THR A 57 -14.83 -13.02 15.99
C THR A 57 -13.45 -13.66 15.69
N ASP A 58 -12.76 -14.10 16.74
CA ASP A 58 -11.41 -14.64 16.57
C ASP A 58 -11.45 -16.02 15.90
N ARG A 59 -12.66 -16.49 15.58
CA ARG A 59 -12.83 -17.72 14.81
C ARG A 59 -12.30 -17.50 13.37
N ILE A 60 -12.26 -16.24 12.96
CA ILE A 60 -11.80 -15.88 11.62
C ILE A 60 -10.44 -15.22 11.74
N ASP A 61 -9.46 -15.70 10.97
CA ASP A 61 -8.14 -15.04 10.90
C ASP A 61 -8.13 -13.81 9.97
N ILE A 62 -7.13 -12.97 10.15
CA ILE A 62 -7.02 -11.78 9.33
C ILE A 62 -5.75 -11.83 8.46
N SER A 63 -5.89 -11.38 7.21
CA SER A 63 -4.79 -11.34 6.24
C SER A 63 -4.54 -9.92 5.72
N GLY A 64 -3.27 -9.59 5.49
CA GLY A 64 -2.95 -8.42 4.71
C GLY A 64 -3.17 -8.72 3.23
N GLN A 65 -3.38 -7.68 2.43
CA GLN A 65 -3.55 -7.81 0.98
C GLN A 65 -2.22 -7.76 0.21
N ASN A 66 -1.14 -7.43 0.92
CA ASN A 66 0.18 -7.26 0.34
C ASN A 66 1.13 -6.96 1.51
N SER A 67 2.42 -7.12 1.29
CA SER A 67 3.42 -6.72 2.31
C SER A 67 4.73 -6.41 1.61
N TRP A 68 5.59 -5.63 2.27
CA TRP A 68 6.85 -5.23 1.66
C TRP A 68 7.80 -6.41 1.62
N VAL A 69 8.79 -6.31 0.73
CA VAL A 69 9.65 -7.44 0.42
C VAL A 69 10.62 -7.79 1.57
N GLY A 70 10.90 -6.84 2.46
CA GLY A 70 11.82 -7.08 3.58
C GLY A 70 11.43 -6.21 4.77
N LYS A 71 12.39 -5.96 5.65
CA LYS A 71 12.22 -5.08 6.82
C LYS A 71 11.75 -3.69 6.42
N GLY A 72 11.02 -3.05 7.30
CA GLY A 72 10.61 -1.67 7.09
C GLY A 72 11.75 -0.69 7.12
N GLY A 73 11.42 0.59 6.99
CA GLY A 73 12.43 1.63 6.86
C GLY A 73 11.92 2.60 5.80
N ALA A 74 12.79 3.02 4.89
CA ALA A 74 12.51 4.11 3.95
C ALA A 74 11.70 3.62 2.74
N PHE A 75 10.47 3.17 2.98
CA PHE A 75 9.67 2.68 1.88
C PHE A 75 8.29 3.31 1.93
N THR A 76 8.24 4.58 1.53
CA THR A 76 7.04 5.39 1.67
C THR A 76 5.87 4.74 0.98
N GLY A 77 4.78 4.54 1.74
CA GLY A 77 3.55 3.99 1.21
C GLY A 77 3.42 2.49 1.35
N GLU A 78 4.48 1.83 1.79
CA GLU A 78 4.49 0.38 1.96
C GLU A 78 4.23 -0.06 3.43
N ILE A 79 3.75 -1.28 3.59
CA ILE A 79 3.49 -1.87 4.91
C ILE A 79 4.35 -3.12 5.11
N SER A 80 4.99 -3.24 6.27
CA SER A 80 5.89 -4.37 6.54
C SER A 80 5.19 -5.53 7.23
N VAL A 81 5.81 -6.71 7.11
CA VAL A 81 5.31 -7.91 7.78
C VAL A 81 5.22 -7.67 9.29
N GLU A 82 6.20 -6.95 9.84
N GLU A 82 6.19 -6.93 9.83
CA GLU A 82 6.18 -6.58 11.25
CA GLU A 82 6.19 -6.58 11.25
C GLU A 82 4.90 -5.82 11.62
C GLU A 82 4.94 -5.80 11.63
N GLN A 83 4.54 -4.86 10.79
CA GLN A 83 3.35 -4.06 11.04
C GLN A 83 2.06 -4.91 10.88
N LEU A 84 2.04 -5.82 9.92
CA LEU A 84 0.88 -6.68 9.78
C LEU A 84 0.71 -7.53 11.05
N LYS A 85 1.79 -8.16 11.53
CA LYS A 85 1.75 -8.95 12.77
C LYS A 85 1.37 -8.13 13.99
N ASP A 86 1.93 -6.93 14.10
CA ASP A 86 1.62 -6.01 15.18
C ASP A 86 0.11 -5.77 15.25
N LEU A 87 -0.55 -5.75 14.09
CA LEU A 87 -1.98 -5.49 14.04
C LEU A 87 -2.82 -6.75 14.24
N GLY A 88 -2.19 -7.91 14.27
CA GLY A 88 -2.89 -9.14 14.55
C GLY A 88 -3.11 -10.05 13.36
N CYS A 89 -2.52 -9.73 12.19
CA CYS A 89 -2.66 -10.60 11.00
C CYS A 89 -1.93 -11.93 11.18
N LYS A 90 -2.46 -12.98 10.56
CA LYS A 90 -1.78 -14.28 10.54
C LYS A 90 -1.38 -14.71 9.14
N TRP A 91 -1.91 -14.00 8.15
CA TRP A 91 -1.68 -14.28 6.74
C TRP A 91 -1.33 -13.03 5.98
N VAL A 92 -0.76 -13.21 4.79
CA VAL A 92 -0.68 -12.14 3.81
C VAL A 92 -0.92 -12.75 2.44
N ILE A 93 -1.68 -12.06 1.60
CA ILE A 93 -1.90 -12.50 0.21
C ILE A 93 -0.72 -11.99 -0.65
N LEU A 94 -0.02 -12.87 -1.36
CA LEU A 94 1.11 -12.37 -2.14
C LEU A 94 1.01 -12.81 -3.60
N GLY A 95 1.34 -11.89 -4.51
CA GLY A 95 1.29 -12.18 -5.94
C GLY A 95 -0.14 -12.26 -6.48
N HIS A 96 -1.09 -11.57 -5.85
CA HIS A 96 -2.43 -11.51 -6.39
C HIS A 96 -2.37 -10.96 -7.82
N SER A 97 -3.25 -11.46 -8.68
CA SER A 97 -3.20 -11.16 -10.11
C SER A 97 -3.28 -9.65 -10.40
N GLU A 98 -3.98 -8.91 -9.55
CA GLU A 98 -4.07 -7.46 -9.74
C GLU A 98 -2.73 -6.79 -9.42
N ARG A 99 -1.96 -7.37 -8.52
CA ARG A 99 -0.64 -6.82 -8.23
C ARG A 99 0.36 -7.24 -9.33
N ARG A 100 0.24 -8.46 -9.85
CA ARG A 100 1.05 -8.86 -11.00
C ARG A 100 0.75 -8.09 -12.26
N HIS A 101 -0.52 -7.91 -12.58
CA HIS A 101 -0.85 -7.47 -13.95
C HIS A 101 -1.31 -6.02 -14.04
N VAL A 102 -1.81 -5.45 -12.94
CA VAL A 102 -2.13 -4.02 -12.89
C VAL A 102 -0.92 -3.24 -12.35
N ILE A 103 -0.39 -3.65 -11.20
CA ILE A 103 0.77 -2.93 -10.64
C ILE A 103 2.08 -3.29 -11.35
N GLY A 104 2.25 -4.58 -11.67
CA GLY A 104 3.40 -5.01 -12.45
C GLY A 104 4.46 -5.71 -11.62
N GLU A 105 4.09 -6.17 -10.43
CA GLU A 105 5.01 -6.94 -9.60
C GLU A 105 5.46 -8.18 -10.35
N LYS A 106 6.78 -8.41 -10.39
CA LYS A 106 7.41 -9.53 -11.09
C LYS A 106 7.63 -10.74 -10.18
N ASP A 107 7.84 -11.89 -10.80
CA ASP A 107 7.84 -13.16 -10.05
C ASP A 107 8.85 -13.25 -8.92
N GLU A 108 10.10 -12.84 -9.18
CA GLU A 108 11.16 -13.00 -8.21
C GLU A 108 10.93 -12.07 -7.04
N PHE A 109 10.47 -10.86 -7.34
CA PHE A 109 10.04 -9.91 -6.33
C PHE A 109 8.96 -10.52 -5.40
N ILE A 110 7.94 -11.14 -5.99
CA ILE A 110 6.89 -11.80 -5.22
C ILE A 110 7.41 -12.98 -4.40
N GLY A 111 8.29 -13.77 -5.02
CA GLY A 111 8.90 -14.89 -4.33
C GLY A 111 9.64 -14.44 -3.08
N LYS A 112 10.39 -13.35 -3.21
CA LYS A 112 11.11 -12.78 -2.10
C LYS A 112 10.18 -12.27 -0.98
N LYS A 113 9.09 -11.62 -1.36
CA LYS A 113 8.09 -11.20 -0.37
C LYS A 113 7.62 -12.38 0.47
N ALA A 114 7.41 -13.52 -0.19
CA ALA A 114 6.88 -14.69 0.48
C ALA A 114 7.88 -15.31 1.42
N ALA A 115 9.11 -15.47 0.95
CA ALA A 115 10.18 -15.99 1.79
C ALA A 115 10.32 -15.13 3.03
N TYR A 116 10.33 -13.81 2.85
CA TYR A 116 10.42 -12.95 4.02
C TYR A 116 9.20 -13.12 4.92
N ALA A 117 8.00 -13.10 4.35
CA ALA A 117 6.81 -13.23 5.20
C ALA A 117 6.83 -14.55 5.98
N LEU A 118 7.21 -15.64 5.33
CA LEU A 118 7.21 -16.95 5.98
C LEU A 118 8.28 -17.03 7.04
N SER A 119 9.46 -16.49 6.77
CA SER A 119 10.54 -16.52 7.77
C SER A 119 10.20 -15.66 8.99
N GLU A 120 9.33 -14.65 8.81
CA GLU A 120 8.93 -13.82 9.94
C GLU A 120 7.67 -14.33 10.66
N GLY A 121 7.11 -15.44 10.21
CA GLY A 121 6.03 -16.08 10.94
C GLY A 121 4.61 -15.80 10.48
N LEU A 122 4.44 -15.16 9.32
CA LEU A 122 3.13 -15.05 8.69
C LEU A 122 2.83 -16.25 7.80
N GLY A 123 1.56 -16.63 7.71
CA GLY A 123 1.14 -17.54 6.66
C GLY A 123 1.09 -16.79 5.35
N VAL A 124 1.27 -17.48 4.24
CA VAL A 124 1.21 -16.81 2.94
C VAL A 124 0.14 -17.42 2.08
N ILE A 125 -0.75 -16.60 1.54
CA ILE A 125 -1.61 -17.05 0.48
C ILE A 125 -0.95 -16.68 -0.86
N ALA A 126 -0.42 -17.68 -1.52
CA ALA A 126 0.44 -17.47 -2.68
C ALA A 126 -0.32 -17.59 -3.99
N CYS A 127 -0.48 -16.49 -4.72
CA CYS A 127 -1.37 -16.51 -5.89
C CYS A 127 -0.58 -16.73 -7.19
N ILE A 128 -1.15 -17.57 -8.04
CA ILE A 128 -0.67 -17.84 -9.38
C ILE A 128 -1.85 -17.83 -10.37
N GLY A 129 -1.57 -17.75 -11.66
CA GLY A 129 -2.60 -17.80 -12.67
C GLY A 129 -2.23 -17.19 -14.01
N GLU A 130 -2.84 -17.65 -15.09
CA GLU A 130 -2.44 -17.19 -16.41
C GLU A 130 -3.48 -16.25 -17.02
N LYS A 131 -3.01 -15.35 -17.88
CA LYS A 131 -3.88 -14.40 -18.56
C LYS A 131 -4.49 -15.02 -19.82
N LEU A 132 -5.45 -14.31 -20.43
CA LEU A 132 -6.12 -14.82 -21.61
C LEU A 132 -5.13 -15.06 -22.77
N GLU A 133 -4.31 -14.06 -23.10
CA GLU A 133 -3.35 -14.21 -24.21
C GLU A 133 -2.45 -15.44 -23.98
N GLU A 134 -2.10 -15.68 -22.71
CA GLU A 134 -1.27 -16.83 -22.35
C GLU A 134 -1.99 -18.17 -22.52
N ARG A 135 -3.22 -18.30 -22.04
CA ARG A 135 -3.99 -19.54 -22.20
C ARG A 135 -4.25 -19.82 -23.69
N GLU A 136 -4.52 -18.76 -24.45
CA GLU A 136 -4.82 -18.90 -25.89
C GLU A 136 -3.58 -19.28 -26.69
N ALA A 137 -2.42 -19.26 -26.04
CA ALA A 137 -1.20 -19.72 -26.69
C ALA A 137 -0.78 -21.11 -26.18
N GLY A 138 -1.63 -21.74 -25.38
CA GLY A 138 -1.34 -23.04 -24.80
C GLY A 138 -0.34 -23.01 -23.64
N LYS A 139 -0.23 -21.86 -22.99
CA LYS A 139 0.79 -21.67 -21.97
C LYS A 139 0.26 -21.66 -20.53
N THR A 140 -0.88 -22.28 -20.28
CA THR A 140 -1.45 -22.30 -18.92
C THR A 140 -0.47 -22.85 -17.87
N PHE A 141 0.08 -24.01 -18.16
CA PHE A 141 0.90 -24.71 -17.18
C PHE A 141 2.33 -24.20 -17.20
N ASP A 142 2.76 -23.68 -18.34
CA ASP A 142 4.07 -23.05 -18.41
C ASP A 142 4.09 -21.83 -17.51
N VAL A 143 3.03 -21.00 -17.61
CA VAL A 143 2.93 -19.80 -16.80
C VAL A 143 2.84 -20.16 -15.32
N CYS A 144 1.94 -21.08 -14.97
CA CYS A 144 1.75 -21.41 -13.56
C CYS A 144 2.99 -22.04 -12.94
N PHE A 145 3.67 -22.92 -13.67
CA PHE A 145 4.85 -23.60 -13.16
C PHE A 145 6.02 -22.66 -12.97
N ALA A 146 6.16 -21.65 -13.83
CA ALA A 146 7.19 -20.62 -13.60
C ALA A 146 6.86 -19.79 -12.35
N GLN A 147 5.58 -19.49 -12.15
CA GLN A 147 5.16 -18.78 -10.96
C GLN A 147 5.42 -19.60 -9.69
N LEU A 148 5.14 -20.90 -9.76
CA LEU A 148 5.42 -21.80 -8.66
C LEU A 148 6.92 -21.91 -8.35
N LYS A 149 7.72 -22.01 -9.42
CA LYS A 149 9.16 -22.17 -9.29
C LYS A 149 9.72 -20.97 -8.56
N ALA A 150 9.25 -19.78 -8.94
CA ALA A 150 9.72 -18.55 -8.31
C ALA A 150 9.38 -18.56 -6.82
N PHE A 151 8.24 -19.13 -6.45
CA PHE A 151 7.96 -19.29 -5.03
C PHE A 151 8.91 -20.32 -4.43
N ALA A 152 8.99 -21.49 -5.05
CA ALA A 152 9.73 -22.63 -4.51
C ALA A 152 11.22 -22.33 -4.39
N ASP A 153 11.78 -21.59 -5.36
CA ASP A 153 13.20 -21.25 -5.28
C ASP A 153 13.51 -20.33 -4.11
N ALA A 154 12.50 -19.66 -3.56
CA ALA A 154 12.79 -18.65 -2.53
C ALA A 154 12.36 -19.04 -1.11
N VAL A 155 11.23 -19.73 -0.95
CA VAL A 155 10.66 -19.92 0.38
C VAL A 155 11.44 -20.95 1.22
N PRO A 156 11.53 -20.71 2.55
CA PRO A 156 12.24 -21.59 3.49
C PRO A 156 11.51 -22.91 3.75
N SER A 157 10.19 -22.88 3.56
CA SER A 157 9.32 -24.03 3.87
C SER A 157 7.93 -23.82 3.28
N TRP A 158 7.20 -24.93 3.07
CA TRP A 158 5.83 -24.87 2.53
C TRP A 158 4.76 -25.10 3.60
N ASP A 159 5.18 -25.29 4.84
CA ASP A 159 4.25 -25.56 5.95
C ASP A 159 3.10 -24.55 6.06
N ASN A 160 3.42 -23.26 5.92
CA ASN A 160 2.39 -22.21 6.08
C ASN A 160 2.03 -21.52 4.76
N ILE A 161 2.10 -22.27 3.67
CA ILE A 161 1.71 -21.72 2.38
C ILE A 161 0.37 -22.31 1.95
N VAL A 162 -0.51 -21.44 1.49
CA VAL A 162 -1.72 -21.86 0.79
C VAL A 162 -1.59 -21.36 -0.64
N VAL A 163 -1.70 -22.25 -1.63
CA VAL A 163 -1.64 -21.83 -3.03
C VAL A 163 -3.01 -21.49 -3.59
N ALA A 164 -3.14 -20.30 -4.18
CA ALA A 164 -4.41 -19.90 -4.81
C ALA A 164 -4.29 -19.80 -6.33
N TYR A 165 -5.12 -20.56 -7.05
CA TYR A 165 -5.11 -20.44 -8.51
C TYR A 165 -6.16 -19.47 -8.99
N GLU A 166 -5.71 -18.42 -9.67
CA GLU A 166 -6.60 -17.46 -10.29
C GLU A 166 -6.66 -17.60 -11.81
N PRO A 167 -7.83 -17.97 -12.35
CA PRO A 167 -7.99 -17.96 -13.80
C PRO A 167 -8.18 -16.54 -14.34
N VAL A 168 -7.10 -15.76 -14.48
CA VAL A 168 -7.20 -14.37 -14.92
C VAL A 168 -7.85 -14.28 -16.30
N TRP A 169 -7.63 -15.31 -17.12
CA TRP A 169 -8.22 -15.40 -18.46
C TRP A 169 -9.72 -15.36 -18.47
N ALA A 170 -10.34 -15.74 -17.36
CA ALA A 170 -11.80 -15.76 -17.21
C ALA A 170 -12.29 -14.50 -16.50
N ILE A 171 -11.41 -13.97 -15.65
CA ILE A 171 -11.71 -12.81 -14.81
C ILE A 171 -11.84 -11.56 -15.69
N GLY A 172 -13.04 -11.34 -16.20
CA GLY A 172 -13.37 -10.12 -16.91
C GLY A 172 -13.24 -10.22 -18.41
N THR A 173 -12.78 -11.37 -18.89
CA THR A 173 -12.52 -11.50 -20.32
C THR A 173 -13.79 -11.95 -21.04
N GLY A 174 -14.87 -12.13 -20.28
CA GLY A 174 -16.12 -12.58 -20.87
C GLY A 174 -16.13 -14.10 -20.91
N LYS A 175 -14.96 -14.71 -20.74
CA LYS A 175 -14.88 -16.15 -20.63
C LYS A 175 -15.27 -16.55 -19.20
N VAL A 176 -15.82 -17.76 -19.07
CA VAL A 176 -16.19 -18.33 -17.79
C VAL A 176 -15.45 -19.64 -17.62
N ALA A 177 -14.98 -19.92 -16.41
CA ALA A 177 -14.21 -21.14 -16.14
C ALA A 177 -15.10 -22.19 -15.49
N SER A 178 -15.05 -23.43 -15.99
CA SER A 178 -15.88 -24.49 -15.40
C SER A 178 -15.14 -25.13 -14.23
N PRO A 179 -15.89 -25.83 -13.34
CA PRO A 179 -15.22 -26.58 -12.27
C PRO A 179 -14.24 -27.62 -12.83
N GLN A 180 -14.52 -28.15 -14.02
CA GLN A 180 -13.61 -29.09 -14.69
C GLN A 180 -12.29 -28.44 -15.06
N GLN A 181 -12.34 -27.21 -15.58
CA GLN A 181 -11.14 -26.50 -15.98
C GLN A 181 -10.36 -26.10 -14.74
N ALA A 182 -11.08 -25.80 -13.66
CA ALA A 182 -10.44 -25.49 -12.39
C ALA A 182 -9.70 -26.72 -11.89
N GLN A 183 -10.40 -27.86 -11.88
CA GLN A 183 -9.84 -29.10 -11.38
C GLN A 183 -8.59 -29.48 -12.12
N GLU A 184 -8.66 -29.29 -13.43
CA GLU A 184 -7.52 -29.56 -14.29
C GLU A 184 -6.26 -28.78 -13.87
N VAL A 185 -6.42 -27.49 -13.59
CA VAL A 185 -5.25 -26.73 -13.18
C VAL A 185 -4.78 -27.15 -11.79
N HIS A 186 -5.70 -27.36 -10.85
CA HIS A 186 -5.31 -27.73 -9.48
C HIS A 186 -4.54 -29.04 -9.40
N VAL A 187 -4.99 -30.03 -10.16
CA VAL A 187 -4.36 -31.34 -10.12
C VAL A 187 -2.96 -31.26 -10.72
N ALA A 188 -2.79 -30.39 -11.72
CA ALA A 188 -1.46 -30.17 -12.30
C ALA A 188 -0.57 -29.42 -11.31
N VAL A 189 -1.13 -28.43 -10.61
CA VAL A 189 -0.33 -27.71 -9.62
C VAL A 189 0.14 -28.71 -8.55
N ARG A 190 -0.75 -29.63 -8.16
CA ARG A 190 -0.35 -30.58 -7.14
C ARG A 190 0.75 -31.50 -7.62
N GLY A 191 0.67 -31.91 -8.88
CA GLY A 191 1.69 -32.74 -9.48
C GLY A 191 3.04 -32.05 -9.52
N TRP A 192 3.02 -30.75 -9.84
CA TRP A 192 4.24 -29.98 -9.86
C TRP A 192 4.87 -29.95 -8.46
N LEU A 193 4.04 -29.85 -7.43
CA LEU A 193 4.56 -29.86 -6.07
C LEU A 193 5.21 -31.21 -5.75
N LYS A 194 4.58 -32.29 -6.19
CA LYS A 194 5.11 -33.64 -5.95
C LYS A 194 6.49 -33.80 -6.56
N LYS A 195 6.66 -33.34 -7.78
CA LYS A 195 7.87 -33.56 -8.53
C LYS A 195 8.95 -32.49 -8.28
N ASN A 196 8.55 -31.31 -7.81
CA ASN A 196 9.56 -30.26 -7.69
C ASN A 196 9.83 -29.85 -6.25
N VAL A 197 9.01 -30.31 -5.31
CA VAL A 197 9.27 -30.03 -3.90
C VAL A 197 9.37 -31.36 -3.16
N SER A 198 8.22 -32.00 -2.94
CA SER A 198 8.15 -33.32 -2.31
C SER A 198 6.72 -33.84 -2.32
N GLU A 199 6.58 -35.15 -2.11
CA GLU A 199 5.27 -35.78 -1.98
C GLU A 199 4.52 -35.29 -0.74
N GLU A 200 5.24 -35.09 0.37
CA GLU A 200 4.62 -34.65 1.62
C GLU A 200 3.97 -33.26 1.49
N VAL A 201 4.72 -32.35 0.87
CA VAL A 201 4.23 -30.99 0.65
C VAL A 201 3.00 -31.00 -0.30
N ALA A 202 3.06 -31.84 -1.33
CA ALA A 202 1.99 -31.93 -2.33
C ALA A 202 0.65 -32.33 -1.73
N SER A 203 0.66 -33.26 -0.78
CA SER A 203 -0.59 -33.72 -0.18
C SER A 203 -1.10 -32.83 0.96
N LYS A 204 -0.18 -32.16 1.66
CA LYS A 204 -0.56 -31.32 2.80
C LYS A 204 -0.85 -29.87 2.41
N THR A 205 -0.39 -29.46 1.23
CA THR A 205 -0.62 -28.08 0.79
C THR A 205 -2.02 -27.92 0.22
N ARG A 206 -2.71 -26.88 0.67
CA ARG A 206 -4.03 -26.59 0.14
C ARG A 206 -3.95 -25.73 -1.10
N ILE A 207 -4.67 -26.16 -2.12
CA ILE A 207 -4.75 -25.45 -3.36
C ILE A 207 -6.17 -24.94 -3.48
N ILE A 208 -6.34 -23.63 -3.30
CA ILE A 208 -7.67 -23.05 -3.31
C ILE A 208 -7.99 -22.36 -4.63
N TYR A 209 -9.28 -22.28 -4.94
CA TYR A 209 -9.73 -21.72 -6.21
C TYR A 209 -10.04 -20.25 -6.06
N GLY A 210 -9.39 -19.42 -6.88
CA GLY A 210 -9.53 -17.98 -6.78
C GLY A 210 -10.18 -17.35 -7.98
N GLY A 211 -10.94 -18.14 -8.73
CA GLY A 211 -11.75 -17.58 -9.80
C GLY A 211 -13.00 -16.99 -9.19
N SER A 212 -13.99 -16.76 -10.03
CA SER A 212 -15.23 -16.18 -9.58
C SER A 212 -16.02 -17.20 -8.72
N VAL A 213 -16.06 -16.95 -7.43
CA VAL A 213 -16.74 -17.83 -6.48
C VAL A 213 -17.86 -17.07 -5.82
N ASN A 214 -19.07 -17.62 -5.92
CA ASN A 214 -20.24 -17.01 -5.30
C ASN A 214 -21.14 -18.11 -4.72
N GLY A 215 -22.23 -17.72 -4.07
CA GLY A 215 -23.10 -18.67 -3.39
C GLY A 215 -23.76 -19.64 -4.35
N GLY A 216 -23.83 -19.27 -5.62
CA GLY A 216 -24.40 -20.12 -6.64
C GLY A 216 -23.48 -21.16 -7.25
N ASN A 217 -22.18 -21.07 -7.02
CA ASN A 217 -21.30 -22.10 -7.58
C ASN A 217 -20.34 -22.71 -6.57
N SER A 218 -20.36 -22.24 -5.32
CA SER A 218 -19.34 -22.71 -4.39
C SER A 218 -19.57 -24.19 -4.06
N ALA A 219 -20.83 -24.59 -3.92
CA ALA A 219 -21.16 -25.99 -3.66
C ALA A 219 -20.66 -26.90 -4.75
N GLU A 220 -20.80 -26.49 -6.01
CA GLU A 220 -20.36 -27.32 -7.12
C GLU A 220 -18.83 -27.40 -7.16
N LEU A 221 -18.18 -26.27 -6.98
CA LEU A 221 -16.71 -26.22 -6.99
C LEU A 221 -16.09 -27.06 -5.87
N ALA A 222 -16.72 -27.05 -4.70
CA ALA A 222 -16.16 -27.71 -3.53
C ALA A 222 -16.12 -29.23 -3.71
N LYS A 223 -16.83 -29.72 -4.73
CA LYS A 223 -16.88 -31.16 -5.02
C LYS A 223 -15.61 -31.66 -5.72
N GLU A 224 -14.88 -30.77 -6.38
CA GLU A 224 -13.69 -31.18 -7.15
C GLU A 224 -12.60 -31.68 -6.23
N GLU A 225 -11.96 -32.78 -6.64
CA GLU A 225 -11.04 -33.49 -5.75
C GLU A 225 -9.86 -32.63 -5.25
N ASP A 226 -9.35 -31.75 -6.11
CA ASP A 226 -8.13 -30.99 -5.76
C ASP A 226 -8.39 -29.50 -5.54
N ILE A 227 -9.66 -29.15 -5.42
CA ILE A 227 -10.00 -27.82 -4.98
C ILE A 227 -10.22 -27.89 -3.46
N ASP A 228 -9.30 -27.26 -2.72
CA ASP A 228 -9.26 -27.36 -1.28
C ASP A 228 -9.90 -26.17 -0.60
N GLY A 229 -10.60 -25.35 -1.37
CA GLY A 229 -11.20 -24.18 -0.78
C GLY A 229 -11.20 -23.03 -1.76
N PHE A 230 -11.39 -21.83 -1.25
CA PHE A 230 -11.59 -20.68 -2.11
C PHE A 230 -10.85 -19.46 -1.64
N LEU A 231 -10.47 -18.63 -2.61
CA LEU A 231 -10.14 -17.24 -2.31
C LEU A 231 -11.22 -16.40 -2.96
N VAL A 232 -12.15 -15.90 -2.13
CA VAL A 232 -13.38 -15.26 -2.63
C VAL A 232 -13.23 -13.77 -2.85
N GLY A 233 -13.68 -13.27 -4.00
CA GLY A 233 -13.59 -11.83 -4.26
C GLY A 233 -14.81 -11.04 -3.84
N GLY A 234 -15.55 -10.54 -4.83
CA GLY A 234 -16.76 -9.75 -4.61
C GLY A 234 -17.73 -10.32 -3.58
N ALA A 235 -17.92 -11.63 -3.56
CA ALA A 235 -18.89 -12.20 -2.63
C ALA A 235 -18.45 -12.07 -1.17
N SER A 236 -17.15 -11.86 -0.93
CA SER A 236 -16.64 -11.77 0.44
C SER A 236 -17.12 -10.45 1.09
N LEU A 237 -17.60 -9.51 0.28
CA LEU A 237 -18.14 -8.28 0.82
C LEU A 237 -19.60 -8.40 1.30
N LYS A 238 -20.21 -9.56 1.10
CA LYS A 238 -21.59 -9.78 1.54
C LYS A 238 -21.57 -10.84 2.60
N GLY A 239 -21.66 -10.42 3.87
CA GLY A 239 -21.47 -11.32 5.00
C GLY A 239 -22.20 -12.66 4.91
N PRO A 240 -23.51 -12.64 4.75
CA PRO A 240 -24.25 -13.91 4.68
C PRO A 240 -23.82 -14.80 3.50
N GLU A 241 -23.59 -14.22 2.32
CA GLU A 241 -23.18 -15.04 1.18
C GLU A 241 -21.80 -15.64 1.44
N PHE A 242 -20.89 -14.84 1.99
CA PHE A 242 -19.54 -15.36 2.34
C PHE A 242 -19.63 -16.52 3.34
N ALA A 243 -20.50 -16.40 4.34
CA ALA A 243 -20.69 -17.49 5.32
C ALA A 243 -21.18 -18.77 4.64
N THR A 244 -22.12 -18.62 3.71
CA THR A 244 -22.61 -19.79 2.96
C THR A 244 -21.50 -20.46 2.12
N ILE A 245 -20.67 -19.64 1.50
CA ILE A 245 -19.51 -20.16 0.76
C ILE A 245 -18.55 -20.91 1.68
N VAL A 246 -18.27 -20.34 2.86
CA VAL A 246 -17.54 -21.07 3.90
C VAL A 246 -18.22 -22.42 4.21
N ASN A 247 -19.53 -22.41 4.37
CA ASN A 247 -20.22 -23.62 4.79
C ASN A 247 -20.39 -24.65 3.65
N SER A 248 -19.92 -24.30 2.46
CA SER A 248 -19.90 -25.20 1.31
C SER A 248 -18.99 -26.38 1.55
N VAL A 249 -18.24 -26.34 2.65
CA VAL A 249 -17.43 -27.49 3.02
C VAL A 249 -18.28 -28.77 3.14
N THR A 250 -19.55 -28.63 3.53
CA THR A 250 -20.42 -29.80 3.67
C THR A 250 -20.63 -30.48 2.31
N SER A 251 -20.61 -29.68 1.25
CA SER A 251 -20.71 -30.20 -0.10
C SER A 251 -19.50 -31.06 -0.46
N LYS A 252 -18.35 -30.73 0.12
CA LYS A 252 -17.16 -31.52 -0.17
C LYS A 252 -17.26 -32.87 0.53
N LYS A 253 -18.06 -32.94 1.59
CA LYS A 253 -18.21 -34.17 2.34
C LYS A 253 -19.26 -35.11 1.76
N VAL A 254 -20.33 -34.55 1.19
CA VAL A 254 -21.36 -35.36 0.55
C VAL A 254 -20.84 -36.05 -0.71
N SER B 4 4.46 33.75 -0.18
CA SER B 4 3.30 34.37 0.46
C SER B 4 2.42 33.33 1.17
N GLY B 5 2.87 32.08 1.16
CA GLY B 5 2.14 31.01 1.81
C GLY B 5 2.63 30.65 3.22
N LYS B 6 1.69 30.27 4.07
CA LYS B 6 1.96 29.81 5.44
C LYS B 6 2.98 28.66 5.51
N PHE B 7 3.89 28.74 6.49
CA PHE B 7 4.96 27.76 6.67
C PHE B 7 4.36 26.37 6.84
N PHE B 8 4.95 25.38 6.20
CA PHE B 8 4.33 24.07 6.17
C PHE B 8 5.36 23.04 6.59
N VAL B 9 5.04 22.22 7.59
CA VAL B 9 5.96 21.17 7.99
C VAL B 9 5.26 19.83 8.05
N GLY B 10 5.68 18.91 7.19
CA GLY B 10 5.09 17.57 7.22
C GLY B 10 6.08 16.54 7.73
N GLY B 11 5.58 15.53 8.44
CA GLY B 11 6.41 14.44 8.90
C GLY B 11 6.05 13.15 8.20
N ASN B 12 6.97 12.59 7.43
CA ASN B 12 6.71 11.36 6.71
C ASN B 12 7.29 10.21 7.48
N TRP B 13 6.45 9.41 8.13
CA TRP B 13 6.95 8.34 9.00
C TRP B 13 7.48 7.16 8.20
N LYS B 14 7.10 7.15 6.93
CA LYS B 14 7.47 6.09 5.98
C LYS B 14 7.08 4.75 6.56
N CYS B 15 7.88 3.70 6.32
CA CYS B 15 7.47 2.37 6.71
C CYS B 15 8.06 2.00 8.07
N ASN B 16 7.62 2.73 9.09
CA ASN B 16 8.14 2.63 10.45
C ASN B 16 7.04 2.71 11.46
N GLY B 17 7.29 2.09 12.61
CA GLY B 17 6.43 2.21 13.76
C GLY B 17 5.63 0.95 14.05
N THR B 18 5.24 0.82 15.32
CA THR B 18 4.32 -0.18 15.82
C THR B 18 3.28 0.58 16.63
N LYS B 19 2.23 -0.11 17.09
CA LYS B 19 1.27 0.50 18.01
C LYS B 19 1.92 1.22 19.18
N ASP B 20 2.87 0.55 19.84
CA ASP B 20 3.49 1.10 21.07
C ASP B 20 4.37 2.32 20.78
N SER B 21 5.20 2.24 19.75
CA SER B 21 6.07 3.37 19.45
C SER B 21 5.25 4.54 18.93
N ILE B 22 4.20 4.26 18.17
CA ILE B 22 3.37 5.34 17.66
C ILE B 22 2.54 5.97 18.77
N ALA B 23 2.08 5.17 19.73
CA ALA B 23 1.43 5.73 20.89
C ALA B 23 2.35 6.71 21.65
N LYS B 24 3.64 6.37 21.79
CA LYS B 24 4.56 7.29 22.46
C LYS B 24 4.79 8.53 21.60
N LEU B 25 4.94 8.34 20.28
CA LEU B 25 5.17 9.47 19.37
C LEU B 25 4.01 10.46 19.46
N ILE B 26 2.79 9.92 19.45
CA ILE B 26 1.58 10.73 19.56
C ILE B 26 1.57 11.50 20.88
N SER B 27 1.91 10.85 22.00
CA SER B 27 2.00 11.55 23.29
C SER B 27 3.00 12.70 23.24
N ASP B 28 4.18 12.46 22.68
CA ASP B 28 5.16 13.55 22.60
C ASP B 28 4.64 14.69 21.72
N LEU B 29 3.97 14.34 20.62
CA LEU B 29 3.43 15.36 19.73
C LEU B 29 2.34 16.18 20.40
N ASN B 30 1.46 15.49 21.12
CA ASN B 30 0.42 16.13 21.92
C ASN B 30 0.97 17.01 23.04
N SER B 31 2.15 16.70 23.54
CA SER B 31 2.69 17.45 24.70
C SER B 31 3.42 18.70 24.24
N ALA B 32 3.87 18.70 22.98
CA ALA B 32 4.64 19.82 22.42
C ALA B 32 3.83 21.11 22.35
N THR B 33 4.50 22.26 22.41
CA THR B 33 3.85 23.53 22.13
C THR B 33 4.30 23.99 20.75
N LEU B 34 3.36 24.03 19.80
CA LEU B 34 3.72 24.30 18.42
C LEU B 34 3.43 25.76 18.07
N GLU B 35 4.29 26.40 17.30
CA GLU B 35 4.05 27.80 16.91
C GLU B 35 2.77 27.89 16.08
N ALA B 36 2.06 29.01 16.14
CA ALA B 36 0.69 29.06 15.60
C ALA B 36 0.58 29.17 14.07
N ASP B 37 1.50 29.89 13.45
CA ASP B 37 1.36 30.16 12.03
C ASP B 37 2.01 29.07 11.15
N VAL B 38 1.85 27.81 11.55
CA VAL B 38 2.42 26.71 10.78
C VAL B 38 1.39 25.63 10.48
N ASP B 39 1.35 25.18 9.23
CA ASP B 39 0.57 24.00 8.92
C ASP B 39 1.40 22.78 9.25
N VAL B 40 0.87 21.94 10.14
CA VAL B 40 1.60 20.75 10.54
C VAL B 40 0.85 19.49 10.15
N VAL B 41 1.54 18.53 9.56
CA VAL B 41 0.94 17.33 9.00
C VAL B 41 1.81 16.11 9.35
N VAL B 42 1.19 15.01 9.76
CA VAL B 42 1.96 13.78 9.90
C VAL B 42 1.35 12.70 9.00
N SER B 43 2.21 11.80 8.56
CA SER B 43 1.86 10.77 7.60
C SER B 43 2.22 9.37 8.10
N PRO B 44 1.30 8.73 8.82
CA PRO B 44 1.53 7.39 9.37
C PRO B 44 1.44 6.32 8.29
N PRO B 45 1.99 5.12 8.54
CA PRO B 45 1.69 3.99 7.65
C PRO B 45 0.19 3.74 7.64
N PHE B 46 -0.35 3.20 6.54
CA PHE B 46 -1.81 2.97 6.43
C PHE B 46 -2.48 2.35 7.65
N VAL B 47 -1.84 1.31 8.18
CA VAL B 47 -2.46 0.50 9.24
C VAL B 47 -2.60 1.26 10.56
N TYR B 48 -1.83 2.35 10.72
CA TYR B 48 -1.88 3.12 11.98
C TYR B 48 -2.68 4.44 11.87
N ILE B 49 -3.20 4.74 10.69
CA ILE B 49 -3.89 6.01 10.51
C ILE B 49 -5.07 6.15 11.47
N ASP B 50 -5.79 5.06 11.67
CA ASP B 50 -6.94 5.04 12.58
C ASP B 50 -6.49 5.34 14.01
N GLN B 51 -5.49 4.61 14.47
CA GLN B 51 -4.92 4.88 15.80
C GLN B 51 -4.47 6.34 15.93
N VAL B 52 -3.79 6.89 14.93
CA VAL B 52 -3.35 8.28 15.05
C VAL B 52 -4.51 9.26 15.06
N LYS B 53 -5.49 9.08 14.17
CA LYS B 53 -6.62 9.98 14.12
C LYS B 53 -7.37 9.97 15.46
N SER B 54 -7.43 8.80 16.10
CA SER B 54 -8.14 8.69 17.40
C SER B 54 -7.48 9.45 18.57
N SER B 55 -6.17 9.66 18.53
CA SER B 55 -5.47 10.18 19.73
C SER B 55 -4.66 11.44 19.53
N LEU B 56 -4.33 11.77 18.28
CA LEU B 56 -3.49 12.94 18.01
C LEU B 56 -4.29 14.23 18.02
N THR B 57 -3.73 15.27 18.60
CA THR B 57 -4.38 16.58 18.63
C THR B 57 -4.80 17.01 17.22
N ASP B 58 -5.99 17.60 17.11
CA ASP B 58 -6.58 18.02 15.82
C ASP B 58 -5.85 19.24 15.26
N ARG B 59 -4.87 19.76 16.00
CA ARG B 59 -4.03 20.84 15.52
C ARG B 59 -3.11 20.35 14.39
N ILE B 60 -2.86 19.05 14.38
CA ILE B 60 -2.00 18.47 13.35
C ILE B 60 -2.89 17.68 12.37
N ASP B 61 -2.74 17.92 11.07
CA ASP B 61 -3.46 17.15 10.04
C ASP B 61 -2.81 15.80 9.78
N ILE B 62 -3.55 14.89 9.16
CA ILE B 62 -3.02 13.57 8.84
C ILE B 62 -2.98 13.38 7.33
N SER B 63 -1.92 12.72 6.88
CA SER B 63 -1.73 12.45 5.46
C SER B 63 -1.55 10.97 5.16
N GLY B 64 -2.06 10.49 4.04
CA GLY B 64 -1.64 9.17 3.55
C GLY B 64 -0.26 9.26 2.91
N GLN B 65 0.44 8.13 2.84
CA GLN B 65 1.75 8.07 2.22
C GLN B 65 1.67 7.75 0.71
N ASN B 66 0.46 7.45 0.25
CA ASN B 66 0.18 7.08 -1.14
C ASN B 66 -1.33 6.88 -1.26
N SER B 67 -1.83 6.86 -2.49
CA SER B 67 -3.26 6.56 -2.77
C SER B 67 -3.39 5.99 -4.15
N TRP B 68 -4.50 5.29 -4.39
CA TRP B 68 -4.70 4.70 -5.69
C TRP B 68 -5.05 5.79 -6.73
N VAL B 69 -4.86 5.46 -8.01
CA VAL B 69 -4.96 6.44 -9.07
C VAL B 69 -6.42 6.92 -9.31
N GLY B 70 -7.41 6.10 -8.93
CA GLY B 70 -8.83 6.45 -9.13
C GLY B 70 -9.68 5.80 -8.06
N LYS B 71 -10.97 5.65 -8.35
CA LYS B 71 -11.97 5.00 -7.50
C LYS B 71 -11.52 3.62 -7.02
N GLY B 72 -12.00 3.18 -5.85
CA GLY B 72 -11.68 1.84 -5.39
C GLY B 72 -12.32 0.75 -6.24
N GLY B 73 -12.08 -0.49 -5.83
CA GLY B 73 -12.54 -1.64 -6.58
C GLY B 73 -11.48 -2.74 -6.54
N ALA B 74 -11.26 -3.36 -7.69
CA ALA B 74 -10.48 -4.58 -7.77
C ALA B 74 -9.01 -4.28 -7.81
N PHE B 75 -8.48 -3.67 -6.75
CA PHE B 75 -7.08 -3.31 -6.70
C PHE B 75 -6.48 -3.79 -5.41
N THR B 76 -6.23 -5.09 -5.34
CA THR B 76 -5.76 -5.74 -4.14
C THR B 76 -4.47 -5.06 -3.63
N GLY B 77 -4.45 -4.66 -2.36
CA GLY B 77 -3.26 -4.09 -1.77
C GLY B 77 -3.23 -2.56 -1.86
N GLU B 78 -4.17 -1.99 -2.62
CA GLU B 78 -4.19 -0.52 -2.76
C GLU B 78 -5.22 0.14 -1.83
N ILE B 79 -4.97 1.41 -1.51
CA ILE B 79 -5.86 2.18 -0.65
C ILE B 79 -6.40 3.38 -1.45
N SER B 80 -7.71 3.61 -1.40
CA SER B 80 -8.32 4.68 -2.20
C SER B 80 -8.44 5.98 -1.42
N VAL B 81 -8.55 7.09 -2.15
CA VAL B 81 -8.75 8.40 -1.57
C VAL B 81 -10.02 8.41 -0.70
N GLU B 82 -11.07 7.71 -1.14
CA GLU B 82 -12.27 7.61 -0.34
C GLU B 82 -11.97 7.07 1.05
N GLN B 83 -11.13 6.05 1.11
CA GLN B 83 -10.79 5.44 2.39
C GLN B 83 -9.90 6.35 3.24
N LEU B 84 -8.97 7.06 2.59
CA LEU B 84 -8.11 7.99 3.31
C LEU B 84 -8.99 9.06 3.95
N LYS B 85 -9.91 9.63 3.16
CA LYS B 85 -10.87 10.60 3.67
C LYS B 85 -11.74 10.02 4.80
N ASP B 86 -12.23 8.79 4.60
CA ASP B 86 -13.05 8.10 5.60
C ASP B 86 -12.31 8.03 6.94
N LEU B 87 -11.00 7.86 6.90
CA LEU B 87 -10.26 7.72 8.15
C LEU B 87 -9.88 9.07 8.74
N GLY B 88 -10.12 10.17 8.02
CA GLY B 88 -9.82 11.47 8.58
C GLY B 88 -8.59 12.20 8.02
N CYS B 89 -7.97 11.65 6.97
CA CYS B 89 -6.83 12.32 6.33
C CYS B 89 -7.28 13.57 5.62
N LYS B 90 -6.42 14.58 5.59
CA LYS B 90 -6.69 15.77 4.80
C LYS B 90 -5.68 15.91 3.66
N TRP B 91 -4.61 15.10 3.70
CA TRP B 91 -3.54 15.17 2.71
C TRP B 91 -3.19 13.79 2.18
N VAL B 92 -2.52 13.74 1.03
CA VAL B 92 -1.83 12.52 0.63
C VAL B 92 -0.48 12.93 -0.01
N ILE B 93 0.58 12.20 0.29
CA ILE B 93 1.89 12.40 -0.35
C ILE B 93 1.94 11.61 -1.64
N LEU B 94 2.28 12.27 -2.76
CA LEU B 94 2.30 11.58 -4.02
C LEU B 94 3.60 11.81 -4.77
N GLY B 95 4.08 10.77 -5.42
CA GLY B 95 5.29 10.88 -6.19
C GLY B 95 6.52 10.97 -5.29
N HIS B 96 6.43 10.44 -4.08
CA HIS B 96 7.60 10.39 -3.22
C HIS B 96 8.73 9.64 -3.89
N SER B 97 9.97 10.08 -3.67
CA SER B 97 11.10 9.52 -4.39
C SER B 97 11.19 8.01 -4.20
N GLU B 98 10.77 7.51 -3.05
CA GLU B 98 10.87 6.06 -2.88
C GLU B 98 9.86 5.32 -3.75
N ARG B 99 8.72 5.96 -4.01
CA ARG B 99 7.73 5.37 -4.90
C ARG B 99 8.15 5.53 -6.36
N ARG B 100 8.76 6.66 -6.71
CA ARG B 100 9.32 6.82 -8.05
C ARG B 100 10.47 5.85 -8.31
N HIS B 101 11.40 5.71 -7.37
CA HIS B 101 12.65 5.05 -7.74
C HIS B 101 12.81 3.64 -7.18
N VAL B 102 12.14 3.31 -6.08
CA VAL B 102 12.17 1.93 -5.61
C VAL B 102 11.01 1.16 -6.23
N ILE B 103 9.80 1.72 -6.15
CA ILE B 103 8.63 1.01 -6.66
C ILE B 103 8.52 1.14 -8.19
N GLY B 104 8.80 2.31 -8.71
CA GLY B 104 8.83 2.53 -10.15
C GLY B 104 7.65 3.30 -10.72
N GLU B 105 6.90 3.99 -9.89
CA GLU B 105 5.75 4.80 -10.35
C GLU B 105 6.22 5.90 -11.34
N LYS B 106 5.55 5.97 -12.49
CA LYS B 106 5.90 6.91 -13.56
C LYS B 106 5.14 8.23 -13.41
N ASP B 107 5.65 9.26 -14.07
CA ASP B 107 5.15 10.63 -13.91
C ASP B 107 3.66 10.82 -14.20
N GLU B 108 3.16 10.22 -15.27
CA GLU B 108 1.77 10.43 -15.70
C GLU B 108 0.80 9.78 -14.70
N PHE B 109 1.17 8.58 -14.26
CA PHE B 109 0.50 7.86 -13.19
C PHE B 109 0.40 8.70 -11.91
N ILE B 110 1.52 9.27 -11.48
CA ILE B 110 1.54 10.12 -10.31
C ILE B 110 0.69 11.39 -10.52
N GLY B 111 0.81 11.99 -11.70
CA GLY B 111 -0.02 13.13 -12.06
C GLY B 111 -1.50 12.79 -11.98
N LYS B 112 -1.88 11.63 -12.48
CA LYS B 112 -3.27 11.21 -12.40
C LYS B 112 -3.72 11.03 -10.94
N LYS B 113 -2.86 10.43 -10.11
CA LYS B 113 -3.18 10.29 -8.69
C LYS B 113 -3.51 11.63 -8.05
N ALA B 114 -2.73 12.64 -8.39
CA ALA B 114 -2.88 13.94 -7.78
C ALA B 114 -4.15 14.62 -8.24
N ALA B 115 -4.41 14.54 -9.55
CA ALA B 115 -5.64 15.08 -10.10
C ALA B 115 -6.84 14.43 -9.41
N TYR B 116 -6.81 13.11 -9.28
CA TYR B 116 -7.93 12.44 -8.63
C TYR B 116 -8.07 12.85 -7.18
N ALA B 117 -6.96 12.84 -6.42
CA ALA B 117 -7.01 13.17 -4.99
C ALA B 117 -7.59 14.56 -4.77
N LEU B 118 -7.16 15.49 -5.60
CA LEU B 118 -7.59 16.88 -5.47
C LEU B 118 -9.06 17.03 -5.83
N SER B 119 -9.51 16.34 -6.88
CA SER B 119 -10.92 16.42 -7.27
C SER B 119 -11.81 15.82 -6.18
N GLU B 120 -11.29 14.87 -5.41
CA GLU B 120 -12.07 14.27 -4.34
C GLU B 120 -11.91 15.01 -3.02
N GLY B 121 -11.11 16.08 -3.01
CA GLY B 121 -11.05 16.95 -1.85
C GLY B 121 -9.90 16.74 -0.86
N LEU B 122 -8.92 15.92 -1.23
CA LEU B 122 -7.66 15.83 -0.44
C LEU B 122 -6.68 16.88 -0.92
N GLY B 123 -5.86 17.40 0.01
CA GLY B 123 -4.68 18.15 -0.36
C GLY B 123 -3.57 17.21 -0.79
N VAL B 124 -2.69 17.68 -1.67
CA VAL B 124 -1.63 16.83 -2.17
C VAL B 124 -0.24 17.43 -1.86
N ILE B 125 0.61 16.62 -1.23
CA ILE B 125 2.04 16.94 -1.15
C ILE B 125 2.70 16.28 -2.35
N ALA B 126 3.03 17.09 -3.34
CA ALA B 126 3.50 16.61 -4.63
C ALA B 126 5.01 16.66 -4.68
N CYS B 127 5.63 15.48 -4.72
CA CYS B 127 7.07 15.37 -4.59
C CYS B 127 7.77 15.32 -5.94
N ILE B 128 8.88 16.04 -6.02
CA ILE B 128 9.75 16.03 -7.21
C ILE B 128 11.21 15.90 -6.79
N GLY B 129 12.09 15.57 -7.73
CA GLY B 129 13.51 15.52 -7.44
C GLY B 129 14.32 14.66 -8.38
N GLU B 130 15.60 14.99 -8.52
CA GLU B 130 16.47 14.31 -9.48
C GLU B 130 17.52 13.40 -8.80
N LYS B 131 17.92 12.36 -9.50
CA LYS B 131 18.90 11.42 -8.99
C LYS B 131 20.33 11.95 -9.27
N LEU B 132 21.32 11.31 -8.69
CA LEU B 132 22.71 11.75 -8.84
C LEU B 132 23.15 11.74 -10.29
N GLU B 133 22.92 10.64 -11.00
CA GLU B 133 23.29 10.55 -12.40
C GLU B 133 22.66 11.69 -13.20
N GLU B 134 21.41 12.03 -12.87
CA GLU B 134 20.71 13.09 -13.56
C GLU B 134 21.33 14.47 -13.27
N ARG B 135 21.61 14.74 -12.01
CA ARG B 135 22.21 16.01 -11.63
C ARG B 135 23.58 16.24 -12.29
N GLU B 136 24.39 15.19 -12.33
CA GLU B 136 25.72 15.32 -12.86
C GLU B 136 25.77 15.45 -14.37
N ALA B 137 24.65 15.20 -15.04
CA ALA B 137 24.61 15.35 -16.48
C ALA B 137 23.94 16.66 -16.85
N GLY B 138 23.65 17.48 -15.86
CA GLY B 138 22.99 18.76 -16.07
C GLY B 138 21.48 18.70 -16.29
N LYS B 139 20.85 17.63 -15.81
CA LYS B 139 19.44 17.41 -16.06
C LYS B 139 18.54 17.64 -14.82
N THR B 140 19.04 18.38 -13.85
CA THR B 140 18.29 18.68 -12.63
C THR B 140 16.95 19.29 -13.00
N PHE B 141 16.99 20.32 -13.83
CA PHE B 141 15.76 21.00 -14.14
C PHE B 141 14.96 20.33 -15.25
N ASP B 142 15.62 19.53 -16.09
CA ASP B 142 14.88 18.72 -17.05
C ASP B 142 14.00 17.75 -16.28
N VAL B 143 14.59 17.08 -15.30
CA VAL B 143 13.87 16.11 -14.52
C VAL B 143 12.79 16.81 -13.70
N CYS B 144 13.15 17.82 -12.93
CA CYS B 144 12.18 18.44 -12.03
C CYS B 144 11.04 19.13 -12.77
N PHE B 145 11.34 19.82 -13.86
CA PHE B 145 10.32 20.50 -14.64
C PHE B 145 9.40 19.52 -15.36
N ALA B 146 9.96 18.39 -15.81
CA ALA B 146 9.13 17.36 -16.42
C ALA B 146 8.22 16.73 -15.36
N GLN B 147 8.72 16.55 -14.16
CA GLN B 147 7.88 15.99 -13.11
C GLN B 147 6.76 16.99 -12.79
N LEU B 148 7.07 18.28 -12.75
CA LEU B 148 6.07 19.32 -12.51
C LEU B 148 5.04 19.42 -13.64
N LYS B 149 5.50 19.34 -14.88
CA LYS B 149 4.57 19.42 -16.00
C LYS B 149 3.55 18.30 -15.92
N ALA B 150 4.01 17.11 -15.53
CA ALA B 150 3.11 15.97 -15.39
C ALA B 150 2.02 16.23 -14.32
N PHE B 151 2.34 16.93 -13.23
CA PHE B 151 1.33 17.34 -12.28
C PHE B 151 0.43 18.39 -12.95
N ALA B 152 1.06 19.42 -13.50
CA ALA B 152 0.34 20.59 -14.02
C ALA B 152 -0.62 20.24 -15.11
N ASP B 153 -0.25 19.26 -15.94
CA ASP B 153 -1.12 18.84 -17.04
C ASP B 153 -2.34 18.11 -16.54
N ALA B 154 -2.30 17.58 -15.33
CA ALA B 154 -3.39 16.74 -14.87
C ALA B 154 -4.27 17.41 -13.83
N VAL B 155 -3.70 18.22 -12.95
CA VAL B 155 -4.46 18.67 -11.77
C VAL B 155 -5.54 19.72 -12.08
N PRO B 156 -6.68 19.65 -11.38
CA PRO B 156 -7.73 20.64 -11.65
C PRO B 156 -7.38 22.02 -11.13
N SER B 157 -6.48 22.09 -10.14
CA SER B 157 -6.15 23.34 -9.47
C SER B 157 -4.91 23.20 -8.58
N TRP B 158 -4.23 24.31 -8.29
CA TRP B 158 -3.04 24.29 -7.44
C TRP B 158 -3.29 24.79 -6.02
N ASP B 159 -4.53 25.15 -5.71
CA ASP B 159 -4.89 25.66 -4.39
C ASP B 159 -4.46 24.76 -3.22
N ASN B 160 -4.67 23.46 -3.35
CA ASN B 160 -4.37 22.54 -2.26
C ASN B 160 -3.15 21.70 -2.55
N ILE B 161 -2.21 22.24 -3.32
CA ILE B 161 -0.99 21.54 -3.62
C ILE B 161 0.16 22.16 -2.87
N VAL B 162 0.95 21.29 -2.26
CA VAL B 162 2.23 21.64 -1.70
C VAL B 162 3.30 20.90 -2.50
N VAL B 163 4.29 21.62 -3.01
CA VAL B 163 5.40 21.00 -3.72
C VAL B 163 6.57 20.72 -2.77
N ALA B 164 7.03 19.48 -2.75
CA ALA B 164 8.19 19.08 -1.98
C ALA B 164 9.34 18.68 -2.91
N TYR B 165 10.48 19.37 -2.78
CA TYR B 165 11.67 19.02 -3.54
C TYR B 165 12.54 18.04 -2.76
N GLU B 166 12.80 16.88 -3.36
CA GLU B 166 13.70 15.91 -2.77
C GLU B 166 15.04 15.83 -3.52
N PRO B 167 16.14 16.22 -2.86
CA PRO B 167 17.47 16.03 -3.50
C PRO B 167 17.89 14.57 -3.44
N VAL B 168 17.31 13.74 -4.30
CA VAL B 168 17.54 12.31 -4.27
C VAL B 168 19.03 12.00 -4.48
N TRP B 169 19.69 12.89 -5.22
CA TRP B 169 21.13 12.80 -5.46
C TRP B 169 21.99 12.79 -4.19
N ALA B 170 21.47 13.36 -3.11
CA ALA B 170 22.15 13.40 -1.82
C ALA B 170 21.66 12.28 -0.91
N ILE B 171 20.43 11.84 -1.14
CA ILE B 171 19.82 10.84 -0.28
C ILE B 171 20.60 9.55 -0.46
N GLY B 172 21.70 9.45 0.30
CA GLY B 172 22.44 8.22 0.42
C GLY B 172 23.60 8.06 -0.54
N THR B 173 23.77 9.00 -1.45
CA THR B 173 24.76 8.83 -2.49
C THR B 173 26.15 9.26 -2.01
N GLY B 174 26.25 9.66 -0.75
CA GLY B 174 27.51 10.13 -0.22
C GLY B 174 27.71 11.62 -0.41
N LYS B 175 26.92 12.21 -1.30
CA LYS B 175 26.90 13.65 -1.49
C LYS B 175 26.05 14.32 -0.40
N VAL B 176 26.32 15.58 -0.09
CA VAL B 176 25.50 16.30 0.88
C VAL B 176 24.94 17.58 0.27
N ALA B 177 23.67 17.88 0.57
CA ALA B 177 23.00 19.07 0.03
C ALA B 177 22.98 20.21 1.05
N SER B 178 23.45 21.38 0.62
CA SER B 178 23.48 22.58 1.44
C SER B 178 22.18 23.39 1.32
N PRO B 179 21.88 24.27 2.29
CA PRO B 179 20.72 25.14 2.13
C PRO B 179 20.79 25.98 0.85
N GLN B 180 22.01 26.34 0.44
CA GLN B 180 22.19 27.10 -0.78
C GLN B 180 21.77 26.32 -2.01
N GLN B 181 22.12 25.04 -2.06
CA GLN B 181 21.79 24.25 -3.24
C GLN B 181 20.28 24.01 -3.31
N ALA B 182 19.66 23.83 -2.15
CA ALA B 182 18.21 23.66 -2.07
C ALA B 182 17.53 24.94 -2.57
N GLN B 183 18.04 26.09 -2.12
CA GLN B 183 17.46 27.38 -2.49
C GLN B 183 17.52 27.57 -4.01
N GLU B 184 18.63 27.18 -4.63
CA GLU B 184 18.77 27.26 -6.08
C GLU B 184 17.68 26.47 -6.81
N VAL B 185 17.35 25.27 -6.31
CA VAL B 185 16.30 24.52 -6.97
C VAL B 185 14.91 25.15 -6.73
N HIS B 186 14.64 25.54 -5.48
CA HIS B 186 13.32 26.09 -5.10
C HIS B 186 13.01 27.36 -5.89
N VAL B 187 14.00 28.20 -6.13
CA VAL B 187 13.75 29.47 -6.82
C VAL B 187 13.41 29.18 -8.30
N ALA B 188 14.03 28.15 -8.87
CA ALA B 188 13.72 27.74 -10.23
C ALA B 188 12.33 27.12 -10.30
N VAL B 189 11.98 26.30 -9.32
CA VAL B 189 10.64 25.69 -9.32
C VAL B 189 9.59 26.80 -9.25
N ARG B 190 9.80 27.80 -8.41
CA ARG B 190 8.81 28.88 -8.29
C ARG B 190 8.69 29.66 -9.58
N GLY B 191 9.83 29.87 -10.24
CA GLY B 191 9.86 30.51 -11.53
C GLY B 191 9.12 29.68 -12.57
N TRP B 192 9.30 28.37 -12.51
CA TRP B 192 8.58 27.48 -13.43
C TRP B 192 7.06 27.65 -13.22
N LEU B 193 6.64 27.73 -11.97
CA LEU B 193 5.23 27.92 -11.68
C LEU B 193 4.71 29.27 -12.20
N LYS B 194 5.53 30.32 -12.08
CA LYS B 194 5.15 31.66 -12.56
C LYS B 194 4.90 31.63 -14.05
N LYS B 195 5.76 30.95 -14.81
CA LYS B 195 5.66 30.96 -16.27
C LYS B 195 4.70 29.91 -16.83
N ASN B 196 4.41 28.86 -16.05
CA ASN B 196 3.61 27.74 -16.59
C ASN B 196 2.25 27.57 -15.95
N VAL B 197 2.00 28.26 -14.85
CA VAL B 197 0.68 28.22 -14.26
C VAL B 197 0.18 29.66 -14.14
N SER B 198 0.74 30.42 -13.21
CA SER B 198 0.44 31.85 -13.07
C SER B 198 1.29 32.45 -11.98
N GLU B 199 1.38 33.78 -11.97
CA GLU B 199 2.08 34.48 -10.90
C GLU B 199 1.38 34.25 -9.56
N GLU B 200 0.04 34.18 -9.57
CA GLU B 200 -0.71 33.99 -8.33
C GLU B 200 -0.39 32.63 -7.70
N VAL B 201 -0.35 31.59 -8.51
CA VAL B 201 -0.04 30.26 -8.01
C VAL B 201 1.40 30.20 -7.51
N ALA B 202 2.31 30.85 -8.22
CA ALA B 202 3.72 30.85 -7.86
C ALA B 202 3.95 31.43 -6.47
N SER B 203 3.24 32.50 -6.12
CA SER B 203 3.47 33.12 -4.83
C SER B 203 2.72 32.43 -3.68
N LYS B 204 1.58 31.80 -3.98
CA LYS B 204 0.77 31.18 -2.91
C LYS B 204 1.14 29.71 -2.64
N THR B 205 1.87 29.09 -3.56
CA THR B 205 2.19 27.67 -3.44
C THR B 205 3.36 27.48 -2.50
N ARG B 206 3.22 26.60 -1.50
CA ARG B 206 4.35 26.28 -0.64
C ARG B 206 5.29 25.33 -1.35
N ILE B 207 6.57 25.68 -1.40
CA ILE B 207 7.58 24.77 -1.90
C ILE B 207 8.46 24.38 -0.73
N ILE B 208 8.34 23.14 -0.25
CA ILE B 208 9.00 22.69 0.97
C ILE B 208 10.16 21.77 0.64
N TYR B 209 11.15 21.74 1.52
CA TYR B 209 12.38 21.00 1.30
C TYR B 209 12.24 19.62 1.89
N GLY B 210 12.48 18.58 1.08
CA GLY B 210 12.33 17.20 1.50
C GLY B 210 13.65 16.41 1.52
N GLY B 211 14.78 17.11 1.63
CA GLY B 211 16.07 16.47 1.85
C GLY B 211 16.22 16.14 3.33
N SER B 212 17.44 15.91 3.77
CA SER B 212 17.71 15.57 5.17
C SER B 212 17.47 16.78 6.10
N VAL B 213 16.41 16.73 6.88
CA VAL B 213 16.02 17.82 7.78
C VAL B 213 16.04 17.28 9.22
N ASN B 214 16.82 17.91 10.11
CA ASN B 214 16.89 17.50 11.50
C ASN B 214 16.97 18.74 12.41
N GLY B 215 17.00 18.52 13.73
CA GLY B 215 17.03 19.64 14.67
C GLY B 215 18.26 20.51 14.54
N GLY B 216 19.33 19.96 13.97
CA GLY B 216 20.57 20.70 13.75
C GLY B 216 20.67 21.55 12.48
N ASN B 217 19.75 21.39 11.51
CA ASN B 217 19.83 22.26 10.33
C ASN B 217 18.53 22.95 9.91
N SER B 218 17.44 22.70 10.63
CA SER B 218 16.16 23.24 10.21
C SER B 218 16.08 24.76 10.33
N ALA B 219 16.62 25.31 11.41
CA ALA B 219 16.64 26.76 11.57
C ALA B 219 17.41 27.40 10.43
N GLU B 220 18.50 26.78 10.02
CA GLU B 220 19.35 27.28 8.93
C GLU B 220 18.63 27.15 7.57
N LEU B 221 18.02 26.01 7.32
CA LEU B 221 17.28 25.81 6.08
C LEU B 221 16.12 26.78 5.98
N ALA B 222 15.44 27.01 7.11
CA ALA B 222 14.24 27.85 7.12
C ALA B 222 14.55 29.31 6.76
N LYS B 223 15.83 29.66 6.78
CA LYS B 223 16.25 31.00 6.45
C LYS B 223 16.22 31.29 4.93
N GLU B 224 16.26 30.26 4.10
CA GLU B 224 16.33 30.46 2.66
C GLU B 224 15.00 31.03 2.15
N GLU B 225 15.06 32.03 1.29
CA GLU B 225 13.90 32.78 0.89
C GLU B 225 12.78 31.94 0.26
N ASP B 226 13.13 30.89 -0.46
CA ASP B 226 12.11 30.12 -1.17
C ASP B 226 11.87 28.71 -0.59
N ILE B 227 12.39 28.47 0.61
CA ILE B 227 12.08 27.26 1.34
C ILE B 227 10.92 27.58 2.29
N ASP B 228 9.75 27.01 1.99
CA ASP B 228 8.52 27.36 2.69
C ASP B 228 8.17 26.34 3.78
N GLY B 229 9.10 25.44 4.07
CA GLY B 229 8.86 24.41 5.07
C GLY B 229 9.58 23.13 4.75
N PHE B 230 9.14 22.04 5.35
CA PHE B 230 9.85 20.77 5.25
C PHE B 230 8.95 19.55 5.09
N LEU B 231 9.46 18.55 4.39
CA LEU B 231 8.92 17.20 4.47
C LEU B 231 9.99 16.39 5.15
N VAL B 232 9.78 16.14 6.43
CA VAL B 232 10.78 15.56 7.31
C VAL B 232 10.72 14.05 7.30
N GLY B 233 11.87 13.40 7.16
CA GLY B 233 11.96 11.96 7.19
C GLY B 233 12.23 11.41 8.58
N GLY B 234 13.45 10.92 8.77
CA GLY B 234 13.86 10.28 10.00
C GLY B 234 13.49 11.03 11.28
N ALA B 235 13.65 12.35 11.28
CA ALA B 235 13.41 13.14 12.49
C ALA B 235 11.94 13.18 12.90
N SER B 236 11.03 12.89 11.98
CA SER B 236 9.61 12.98 12.32
C SER B 236 9.21 11.83 13.23
N LEU B 237 10.04 10.80 13.33
CA LEU B 237 9.76 9.72 14.28
C LEU B 237 10.16 10.06 15.73
N LYS B 238 10.81 11.20 15.93
CA LYS B 238 11.23 11.65 17.26
C LYS B 238 10.43 12.91 17.61
N GLY B 239 9.38 12.72 18.41
CA GLY B 239 8.39 13.77 18.65
C GLY B 239 8.92 15.16 19.03
N PRO B 240 9.73 15.23 20.09
CA PRO B 240 10.27 16.52 20.52
C PRO B 240 11.13 17.17 19.42
N GLU B 241 11.93 16.37 18.70
CA GLU B 241 12.75 16.92 17.62
C GLU B 241 11.86 17.41 16.47
N PHE B 242 10.81 16.65 16.12
CA PHE B 242 9.87 17.10 15.11
C PHE B 242 9.19 18.41 15.50
N ALA B 243 8.82 18.52 16.77
CA ALA B 243 8.22 19.75 17.28
C ALA B 243 9.17 20.92 17.12
N THR B 244 10.43 20.73 17.45
CA THR B 244 11.42 21.82 17.31
C THR B 244 11.59 22.28 15.86
N ILE B 245 11.58 21.31 14.95
CA ILE B 245 11.62 21.60 13.53
C ILE B 245 10.40 22.42 13.07
N VAL B 246 9.21 22.08 13.55
CA VAL B 246 8.03 22.89 13.28
C VAL B 246 8.28 24.31 13.74
N ASN B 247 8.83 24.44 14.94
CA ASN B 247 9.01 25.76 15.53
C ASN B 247 10.19 26.52 14.94
N SER B 248 10.91 25.88 14.01
CA SER B 248 12.04 26.51 13.32
C SER B 248 11.55 27.64 12.46
N VAL B 249 10.23 27.74 12.32
CA VAL B 249 9.62 28.86 11.63
C VAL B 249 10.04 30.22 12.22
N THR B 250 10.35 30.26 13.53
CA THR B 250 10.81 31.49 14.17
C THR B 250 12.13 31.94 13.55
N SER B 251 12.92 30.97 13.09
CA SER B 251 14.18 31.30 12.41
C SER B 251 13.90 32.05 11.10
N LYS B 252 12.79 31.74 10.44
CA LYS B 252 12.49 32.39 9.18
C LYS B 252 12.08 33.84 9.38
N LYS B 253 11.61 34.17 10.57
CA LYS B 253 11.16 35.54 10.83
C LYS B 253 12.35 36.40 11.23
N VAL B 254 13.29 35.80 11.97
CA VAL B 254 14.52 36.47 12.37
C VAL B 254 15.44 36.72 11.18
#